data_5DN8
#
_entry.id   5DN8
#
_cell.length_a   44.275
_cell.length_b   98.443
_cell.length_c   107.968
_cell.angle_alpha   90.00
_cell.angle_beta   90.00
_cell.angle_gamma   90.00
#
_symmetry.space_group_name_H-M   'P 21 21 21'
#
loop_
_entity.id
_entity.type
_entity.pdbx_description
1 polymer 'GTPase Der'
2 non-polymer "GUANOSINE-5'-DIPHOSPHATE"
3 water water
#
_entity_poly.entity_id   1
_entity_poly.type   'polypeptide(L)'
_entity_poly.pdbx_seq_one_letter_code
;SNAMLPVIAIVGRPNVGKSTLFNYLTKSRAALVADVPGVTRDRQYGETTIDSQRLLLVDTGGLVDTENKEVAPLAETQVE
QAIDESDCILFLVDAKAGLVPADEIIAERLRKKGKKIFLAVNKADRARAAVVQSDFYKLGFGEPYVIAAASGRGVKDLMT
QVLENLPEEKEVIEKEVGIKIAMIGRPNVGKSTLINRLLGEERVIVYDQPGTTRDSIYIPFARNDENYTLIDTAGIRRRA
KIQDYVEKFSMIKSLQAMHAADVVIFLLDARQGVTEQDLRLLNRIVEAGVSLIIAVNKWDGLNIEERDNVRNAIDRRMPF
VDFARRYFISALHGTGVGKLFRAIQESYQSIQQELTTGQLTRALEKAVAEHEPPLVKGRRIRLRYAHLGARHPLTIVVHG
KQTKSLPQSYSRYLANYFRKTFNFIGVPVHIKLKTDPNPYEGQEER
;
_entity_poly.pdbx_strand_id   A
#
loop_
_chem_comp.id
_chem_comp.type
_chem_comp.name
_chem_comp.formula
GDP RNA linking GUANOSINE-5'-DIPHOSPHATE 'C10 H15 N5 O11 P2'
#
# COMPACT_ATOMS: atom_id res chain seq x y z
N ALA A 3 16.25 0.94 -3.33
CA ALA A 3 15.84 0.55 -1.95
C ALA A 3 14.47 -0.12 -1.96
N MET A 4 14.44 -1.41 -2.29
CA MET A 4 13.20 -2.17 -2.35
C MET A 4 12.88 -2.64 -0.95
N LEU A 5 11.61 -2.56 -0.52
CA LEU A 5 11.29 -2.97 0.84
C LEU A 5 11.46 -4.46 1.05
N PRO A 6 12.06 -4.86 2.19
CA PRO A 6 12.19 -6.25 2.54
C PRO A 6 10.80 -6.84 2.80
N VAL A 7 10.63 -8.11 2.45
CA VAL A 7 9.35 -8.78 2.62
C VAL A 7 9.45 -9.86 3.67
N ILE A 8 8.56 -9.80 4.66
N ILE A 8 8.58 -9.77 4.69
CA ILE A 8 8.54 -10.78 5.75
CA ILE A 8 8.53 -10.77 5.77
C ILE A 8 7.26 -11.58 5.69
C ILE A 8 7.25 -11.59 5.68
N ALA A 9 7.39 -12.90 5.55
CA ALA A 9 6.23 -13.79 5.46
C ALA A 9 5.97 -14.40 6.83
N ILE A 10 4.75 -14.21 7.34
CA ILE A 10 4.32 -14.80 8.62
C ILE A 10 3.74 -16.18 8.29
N VAL A 11 4.30 -17.21 8.90
N VAL A 11 4.28 -17.19 8.96
CA VAL A 11 3.87 -18.59 8.64
CA VAL A 11 3.96 -18.57 8.72
C VAL A 11 3.68 -19.33 9.97
C VAL A 11 3.64 -19.30 10.02
N GLY A 12 2.83 -20.36 9.93
CA GLY A 12 2.50 -21.14 11.10
C GLY A 12 1.13 -21.77 10.97
N ARG A 13 0.86 -22.72 11.86
CA ARG A 13 -0.42 -23.44 11.93
C ARG A 13 -1.57 -22.50 12.17
N PRO A 14 -2.78 -22.91 11.79
CA PRO A 14 -3.91 -22.06 12.14
C PRO A 14 -4.05 -21.92 13.67
N ASN A 15 -4.54 -20.75 14.09
N ASN A 15 -4.52 -20.74 14.08
CA ASN A 15 -4.83 -20.46 15.49
CA ASN A 15 -4.84 -20.40 15.46
C ASN A 15 -3.64 -20.18 16.39
C ASN A 15 -3.69 -19.96 16.36
N VAL A 16 -2.47 -19.90 15.81
CA VAL A 16 -1.28 -19.54 16.62
C VAL A 16 -1.16 -18.04 16.89
N GLY A 17 -1.88 -17.22 16.12
CA GLY A 17 -1.86 -15.76 16.30
C GLY A 17 -1.31 -14.93 15.13
N LYS A 18 -1.25 -15.50 13.93
CA LYS A 18 -0.66 -14.78 12.77
C LYS A 18 -1.43 -13.52 12.43
N SER A 19 -2.75 -13.61 12.32
N SER A 19 -2.75 -13.63 12.31
CA SER A 19 -3.55 -12.43 11.95
CA SER A 19 -3.59 -12.47 11.99
C SER A 19 -3.51 -11.38 13.07
C SER A 19 -3.48 -11.40 13.06
N THR A 20 -3.46 -11.84 14.32
CA THR A 20 -3.34 -10.93 15.47
C THR A 20 -2.01 -10.16 15.41
N LEU A 21 -0.91 -10.86 15.10
CA LEU A 21 0.38 -10.20 15.01
C LEU A 21 0.42 -9.27 13.78
N PHE A 22 -0.12 -9.75 12.67
CA PHE A 22 -0.21 -8.95 11.43
C PHE A 22 -0.94 -7.62 11.73
N ASN A 23 -2.08 -7.72 12.41
CA ASN A 23 -2.86 -6.52 12.74
C ASN A 23 -2.13 -5.58 13.71
N TYR A 24 -1.39 -6.17 14.66
CA TYR A 24 -0.64 -5.39 15.63
C TYR A 24 0.44 -4.55 14.92
N LEU A 25 1.10 -5.17 13.95
CA LEU A 25 2.21 -4.55 13.25
C LEU A 25 1.83 -3.56 12.14
N THR A 26 0.74 -3.83 11.44
CA THR A 26 0.44 -3.01 10.27
C THR A 26 -0.28 -1.72 10.59
N LYS A 27 -0.17 -0.77 9.66
N LYS A 27 -0.15 -0.73 9.72
CA LYS A 27 -0.84 0.54 9.70
CA LYS A 27 -0.79 0.58 9.92
C LYS A 27 -2.35 0.45 9.84
C LYS A 27 -2.30 0.54 9.67
N SER A 28 -2.88 1.08 10.87
N SER A 28 -3.07 0.82 10.72
CA SER A 28 -4.33 1.12 11.06
CA SER A 28 -4.53 0.86 10.60
C SER A 28 -4.86 2.36 10.35
C SER A 28 -4.99 2.15 9.97
N ARG A 29 -6.02 2.24 9.72
N ARG A 29 -6.22 2.14 9.47
CA ARG A 29 -6.62 3.37 9.01
CA ARG A 29 -6.81 3.33 8.84
C ARG A 29 -7.99 3.75 9.59
C ARG A 29 -8.08 3.76 9.58
N ALA A 30 -8.26 3.29 10.80
CA ALA A 30 -9.49 3.54 11.54
C ALA A 30 -9.80 5.01 11.82
N ALA A 31 -8.77 5.83 11.99
CA ALA A 31 -8.95 7.27 12.29
C ALA A 31 -9.15 8.14 11.05
N LEU A 32 -9.09 7.55 9.85
CA LEU A 32 -9.20 8.32 8.58
C LEU A 32 -10.57 8.31 7.91
N VAL A 33 -10.98 9.46 7.38
CA VAL A 33 -12.22 9.59 6.59
C VAL A 33 -11.83 10.21 5.25
N ALA A 34 -12.14 9.52 4.15
CA ALA A 34 -11.78 9.99 2.82
C ALA A 34 -12.93 10.72 2.12
N ASP A 35 -12.58 11.56 1.15
CA ASP A 35 -13.59 12.29 0.36
C ASP A 35 -14.57 11.33 -0.34
N VAL A 36 -14.10 10.12 -0.63
CA VAL A 36 -14.93 9.07 -1.21
C VAL A 36 -14.54 7.74 -0.59
N PRO A 37 -15.45 7.13 0.20
CA PRO A 37 -15.10 5.84 0.80
C PRO A 37 -15.12 4.74 -0.25
N GLY A 38 -14.57 3.58 0.10
CA GLY A 38 -14.54 2.45 -0.83
C GLY A 38 -13.26 1.62 -0.78
N VAL A 39 -12.56 1.70 0.34
CA VAL A 39 -11.33 0.92 0.53
C VAL A 39 -11.39 0.19 1.87
N THR A 40 -11.07 -1.10 1.85
CA THR A 40 -11.11 -1.93 3.05
C THR A 40 -9.70 -2.25 3.57
N ARG A 41 -9.61 -2.87 4.74
CA ARG A 41 -8.30 -3.22 5.31
C ARG A 41 -7.84 -4.56 4.77
N ASP A 42 -6.66 -4.54 4.16
CA ASP A 42 -6.06 -5.71 3.57
C ASP A 42 -5.70 -6.72 4.68
N ARG A 43 -6.12 -7.96 4.53
CA ARG A 43 -5.84 -8.99 5.54
C ARG A 43 -4.74 -9.96 5.07
N GLN A 44 -4.11 -9.66 3.95
N GLN A 44 -4.09 -9.65 3.97
CA GLN A 44 -3.02 -10.50 3.43
CA GLN A 44 -3.04 -10.50 3.40
C GLN A 44 -1.70 -9.76 3.41
C GLN A 44 -1.70 -9.78 3.32
N TYR A 45 -1.74 -8.50 2.95
CA TYR A 45 -0.53 -7.70 2.81
C TYR A 45 -0.59 -6.38 3.54
N GLY A 46 0.53 -5.97 4.12
CA GLY A 46 0.57 -4.69 4.81
C GLY A 46 1.98 -4.18 4.98
N GLU A 47 2.11 -3.00 5.56
CA GLU A 47 3.42 -2.45 5.81
C GLU A 47 3.54 -2.10 7.27
N THR A 48 4.77 -2.13 7.76
CA THR A 48 5.05 -1.75 9.12
C THR A 48 6.36 -0.97 9.12
N THR A 49 6.59 -0.21 10.18
CA THR A 49 7.82 0.58 10.32
C THR A 49 8.48 0.31 11.67
N ILE A 50 9.76 0.01 11.64
N ILE A 50 9.79 0.12 11.63
CA ILE A 50 10.54 -0.28 12.84
CA ILE A 50 10.59 -0.05 12.82
C ILE A 50 11.87 0.46 12.67
C ILE A 50 11.67 1.02 12.69
N ASP A 51 12.14 1.39 13.58
N ASP A 51 11.92 1.76 13.76
CA ASP A 51 13.35 2.21 13.53
CA ASP A 51 12.86 2.87 13.68
C ASP A 51 13.51 2.95 12.19
C ASP A 51 12.38 3.74 12.52
N SER A 52 12.40 3.48 11.68
N SER A 52 13.19 3.86 11.48
CA SER A 52 12.40 4.20 10.40
CA SER A 52 12.76 4.61 10.30
C SER A 52 12.50 3.27 9.18
C SER A 52 12.90 3.73 9.05
N GLN A 53 12.77 1.99 9.42
N GLN A 53 12.55 2.45 9.19
CA GLN A 53 12.87 1.00 8.35
CA GLN A 53 12.63 1.52 8.09
C GLN A 53 11.51 0.40 8.05
C GLN A 53 11.29 0.83 7.86
N ARG A 54 11.04 0.58 6.83
N ARG A 54 10.84 0.80 6.60
CA ARG A 54 9.74 0.09 6.41
CA ARG A 54 9.59 0.12 6.28
C ARG A 54 9.87 -1.35 5.91
C ARG A 54 9.84 -1.32 5.88
N LEU A 55 8.87 -2.17 6.22
CA LEU A 55 8.90 -3.59 5.87
C LEU A 55 7.55 -3.99 5.32
N LEU A 56 7.55 -4.91 4.36
N LEU A 56 7.54 -4.92 4.37
CA LEU A 56 6.30 -5.44 3.84
CA LEU A 56 6.29 -5.45 3.83
C LEU A 56 6.03 -6.69 4.64
C LEU A 56 5.99 -6.78 4.49
N LEU A 57 4.77 -6.92 5.00
CA LEU A 57 4.36 -8.10 5.73
C LEU A 57 3.32 -8.88 4.94
N VAL A 58 3.43 -10.20 4.96
CA VAL A 58 2.47 -11.07 4.32
C VAL A 58 1.98 -12.08 5.34
N ASP A 59 0.68 -12.10 5.58
CA ASP A 59 0.11 -13.11 6.49
C ASP A 59 -0.27 -14.27 5.62
N THR A 60 0.56 -15.32 5.57
CA THR A 60 0.26 -16.47 4.73
C THR A 60 -0.99 -17.22 5.13
N GLY A 61 -1.45 -17.00 6.36
CA GLY A 61 -2.70 -17.59 6.80
C GLY A 61 -3.88 -16.94 6.08
N GLY A 62 -3.70 -15.71 5.64
CA GLY A 62 -4.75 -15.00 4.89
C GLY A 62 -4.89 -15.43 3.43
N LEU A 63 -3.92 -16.22 2.95
CA LEU A 63 -3.88 -16.69 1.57
C LEU A 63 -4.57 -18.05 1.40
N VAL A 64 -4.65 -18.82 2.49
CA VAL A 64 -5.24 -20.15 2.44
C VAL A 64 -6.76 -20.07 2.25
N GLU A 76 -2.07 -24.33 -1.20
CA GLU A 76 -0.67 -24.26 -0.79
C GLU A 76 0.20 -23.57 -1.86
N THR A 77 -0.31 -23.47 -3.10
CA THR A 77 0.45 -22.80 -4.17
C THR A 77 0.76 -21.34 -3.78
N GLN A 78 -0.26 -20.62 -3.31
CA GLN A 78 -0.09 -19.21 -2.92
C GLN A 78 0.84 -19.07 -1.72
N VAL A 79 0.71 -19.96 -0.74
CA VAL A 79 1.56 -19.90 0.43
C VAL A 79 3.01 -20.15 0.05
N GLU A 80 3.25 -21.19 -0.77
CA GLU A 80 4.61 -21.48 -1.23
C GLU A 80 5.19 -20.30 -1.99
N GLN A 81 4.37 -19.68 -2.85
CA GLN A 81 4.84 -18.52 -3.61
C GLN A 81 5.24 -17.38 -2.69
N ALA A 82 4.43 -17.12 -1.67
CA ALA A 82 4.71 -16.05 -0.72
C ALA A 82 6.02 -16.32 0.00
N ILE A 83 6.22 -17.56 0.44
CA ILE A 83 7.46 -17.92 1.14
C ILE A 83 8.67 -17.75 0.22
N ASP A 84 8.58 -18.29 -0.99
CA ASP A 84 9.67 -18.20 -1.96
C ASP A 84 10.03 -16.76 -2.33
N GLU A 85 9.06 -15.86 -2.33
CA GLU A 85 9.32 -14.47 -2.72
C GLU A 85 9.68 -13.55 -1.57
N SER A 86 9.61 -14.07 -0.34
N SER A 86 9.61 -14.07 -0.34
CA SER A 86 9.96 -13.28 0.84
CA SER A 86 9.96 -13.28 0.84
C SER A 86 11.45 -13.28 1.10
C SER A 86 11.45 -13.32 1.14
N ASP A 87 11.88 -12.31 1.88
CA ASP A 87 13.28 -12.16 2.28
C ASP A 87 13.57 -12.96 3.54
N CYS A 88 12.67 -12.83 4.50
N CYS A 88 12.59 -13.06 4.43
CA CYS A 88 12.78 -13.51 5.79
CA CYS A 88 12.73 -13.88 5.64
C CYS A 88 11.46 -14.22 6.08
C CYS A 88 11.35 -14.25 6.18
N ILE A 89 11.48 -15.03 7.12
N ILE A 89 11.33 -15.34 6.95
CA ILE A 89 10.32 -15.78 7.52
CA ILE A 89 10.11 -15.87 7.56
C ILE A 89 10.13 -15.69 9.04
C ILE A 89 9.94 -15.55 9.05
N LEU A 90 8.96 -15.20 9.47
N LEU A 90 8.68 -15.38 9.47
CA LEU A 90 8.57 -15.21 10.89
CA LEU A 90 8.40 -15.19 10.87
C LEU A 90 7.67 -16.44 11.02
C LEU A 90 7.53 -16.38 11.20
N PHE A 91 8.14 -17.42 11.80
CA PHE A 91 7.42 -18.67 12.04
C PHE A 91 6.88 -18.63 13.45
N LEU A 92 5.55 -18.59 13.56
CA LEU A 92 4.87 -18.54 14.84
C LEU A 92 4.41 -19.88 15.33
N VAL A 93 4.68 -20.10 16.61
CA VAL A 93 4.20 -21.27 17.33
C VAL A 93 3.44 -20.78 18.57
N ASP A 94 2.82 -21.69 19.32
CA ASP A 94 1.91 -21.35 20.41
C ASP A 94 2.40 -21.88 21.73
N ALA A 95 2.73 -20.96 22.65
CA ALA A 95 3.18 -21.31 23.98
C ALA A 95 2.22 -22.23 24.73
N LYS A 96 0.93 -22.01 24.53
CA LYS A 96 -0.09 -22.81 25.23
C LYS A 96 -0.18 -24.25 24.76
N ALA A 97 0.20 -24.48 23.52
CA ALA A 97 0.15 -25.81 22.92
C ALA A 97 1.42 -26.61 23.09
N GLY A 98 2.54 -25.90 23.24
CA GLY A 98 3.84 -26.56 23.24
C GLY A 98 4.17 -26.91 21.79
N LEU A 99 5.25 -27.65 21.57
CA LEU A 99 5.63 -28.04 20.20
C LEU A 99 4.74 -29.19 19.75
N VAL A 100 4.00 -29.02 18.67
CA VAL A 100 3.09 -30.07 18.20
C VAL A 100 3.57 -30.60 16.84
N PRO A 101 3.15 -31.84 16.46
CA PRO A 101 3.64 -32.39 15.19
C PRO A 101 3.47 -31.50 13.95
N ALA A 102 2.37 -30.76 13.83
CA ALA A 102 2.16 -29.86 12.69
C ALA A 102 3.21 -28.74 12.64
N ASP A 103 3.71 -28.32 13.80
CA ASP A 103 4.77 -27.30 13.86
C ASP A 103 6.03 -27.90 13.24
N GLU A 104 6.29 -29.16 13.57
CA GLU A 104 7.47 -29.86 13.11
C GLU A 104 7.42 -30.08 11.59
N ILE A 105 6.23 -30.35 11.06
CA ILE A 105 6.04 -30.50 9.61
C ILE A 105 6.36 -29.19 8.88
N ILE A 106 5.85 -28.08 9.40
CA ILE A 106 6.15 -26.80 8.83
C ILE A 106 7.64 -26.48 8.93
N ALA A 107 8.24 -26.80 10.07
CA ALA A 107 9.66 -26.53 10.29
C ALA A 107 10.52 -27.22 9.25
N GLU A 108 10.23 -28.49 8.97
N GLU A 108 10.22 -28.49 8.98
CA GLU A 108 11.02 -29.24 8.00
CA GLU A 108 10.95 -29.28 7.99
C GLU A 108 10.91 -28.61 6.60
C GLU A 108 10.90 -28.61 6.63
N ARG A 109 9.72 -28.14 6.24
CA ARG A 109 9.55 -27.47 4.95
C ARG A 109 10.34 -26.17 4.90
N LEU A 110 10.32 -25.41 5.99
CA LEU A 110 11.03 -24.14 6.03
C LEU A 110 12.55 -24.31 5.92
N ARG A 111 13.08 -25.36 6.55
CA ARG A 111 14.53 -25.63 6.51
C ARG A 111 15.06 -25.82 5.09
N LYS A 112 14.23 -26.40 4.21
CA LYS A 112 14.62 -26.66 2.81
C LYS A 112 14.67 -25.40 1.96
N LYS A 113 13.86 -24.39 2.30
CA LYS A 113 13.99 -23.12 1.61
C LYS A 113 15.35 -22.59 2.04
N GLY A 114 15.88 -21.62 1.33
CA GLY A 114 17.18 -21.07 1.68
C GLY A 114 17.06 -19.69 2.27
N LYS A 115 16.34 -19.56 3.38
CA LYS A 115 16.17 -18.24 3.99
C LYS A 115 16.09 -18.20 5.51
N LYS A 116 16.34 -17.02 6.07
N LYS A 116 16.36 -16.99 6.01
CA LYS A 116 16.35 -16.84 7.51
CA LYS A 116 16.39 -16.65 7.40
C LYS A 116 14.97 -17.12 8.12
C LYS A 116 15.05 -16.85 8.07
N ILE A 117 14.96 -17.88 9.21
N ILE A 117 15.04 -17.71 9.07
CA ILE A 117 13.72 -18.21 9.93
CA ILE A 117 13.83 -17.98 9.83
C ILE A 117 13.77 -17.67 11.34
C ILE A 117 13.96 -17.39 11.23
N PHE A 118 12.91 -16.68 11.65
CA PHE A 118 12.82 -16.14 12.97
C PHE A 118 11.69 -16.88 13.65
N LEU A 119 11.99 -17.56 14.73
CA LEU A 119 10.99 -18.32 15.49
C LEU A 119 10.41 -17.44 16.57
N ALA A 120 9.08 -17.33 16.60
CA ALA A 120 8.39 -16.55 17.62
C ALA A 120 7.37 -17.42 18.33
N VAL A 121 7.46 -17.47 19.66
CA VAL A 121 6.53 -18.25 20.49
C VAL A 121 5.48 -17.27 20.99
N ASN A 122 4.29 -17.36 20.40
CA ASN A 122 3.19 -16.45 20.73
C ASN A 122 2.34 -16.96 21.87
N LYS A 123 1.49 -16.09 22.40
CA LYS A 123 0.59 -16.40 23.53
C LYS A 123 1.38 -16.61 24.83
N ALA A 124 2.53 -15.94 24.94
CA ALA A 124 3.36 -16.03 26.14
C ALA A 124 2.66 -15.39 27.35
N ASP A 125 1.77 -14.44 27.07
CA ASP A 125 0.98 -13.71 28.05
C ASP A 125 1.90 -13.23 29.19
N ARG A 126 1.70 -13.63 30.43
N ARG A 126 1.63 -13.65 30.43
CA ARG A 126 2.69 -13.16 31.43
CA ARG A 126 2.48 -13.26 31.55
C ARG A 126 3.50 -14.30 32.06
C ARG A 126 3.19 -14.47 32.18
N ALA A 127 3.57 -15.42 31.34
CA ALA A 127 4.34 -16.59 31.78
C ALA A 127 5.84 -16.26 31.67
N ARG A 128 6.65 -16.88 32.54
N ARG A 128 6.62 -16.94 32.51
CA ARG A 128 8.09 -16.62 32.49
CA ARG A 128 8.08 -16.80 32.52
C ARG A 128 8.68 -17.22 31.21
C ARG A 128 8.69 -17.26 31.19
N ALA A 129 9.71 -16.57 30.70
CA ALA A 129 10.35 -16.94 29.42
C ALA A 129 10.80 -18.40 29.38
N ALA A 130 11.42 -18.86 30.47
CA ALA A 130 11.91 -20.23 30.54
C ALA A 130 10.78 -21.24 30.29
N VAL A 131 9.60 -20.96 30.83
CA VAL A 131 8.47 -21.84 30.64
C VAL A 131 8.00 -21.82 29.18
N VAL A 132 7.87 -20.62 28.63
CA VAL A 132 7.39 -20.38 27.27
C VAL A 132 8.31 -20.99 26.20
N GLN A 133 9.60 -20.84 26.38
CA GLN A 133 10.58 -21.23 25.35
C GLN A 133 10.98 -22.69 25.35
N SER A 134 10.78 -23.34 26.48
CA SER A 134 11.27 -24.70 26.74
C SER A 134 11.15 -25.70 25.59
N ASP A 135 9.96 -25.87 25.04
CA ASP A 135 9.73 -26.89 24.02
C ASP A 135 10.28 -26.57 22.65
N PHE A 136 10.69 -25.33 22.44
CA PHE A 136 11.01 -24.85 21.09
C PHE A 136 12.46 -24.71 20.72
N TYR A 137 13.37 -24.80 21.69
CA TYR A 137 14.78 -24.76 21.32
C TYR A 137 15.13 -25.85 20.33
N LYS A 138 14.54 -27.02 20.49
CA LYS A 138 14.89 -28.14 19.63
C LYS A 138 14.54 -27.98 18.17
N LEU A 139 13.78 -26.94 17.81
CA LEU A 139 13.50 -26.69 16.42
C LEU A 139 14.76 -26.26 15.66
N GLY A 140 15.78 -25.78 16.37
CA GLY A 140 17.04 -25.40 15.72
C GLY A 140 16.99 -24.11 14.92
N PHE A 141 16.09 -23.19 15.28
CA PHE A 141 16.00 -21.89 14.61
C PHE A 141 16.54 -20.80 15.51
N GLY A 142 17.43 -21.17 16.41
CA GLY A 142 17.99 -20.19 17.35
C GLY A 142 17.01 -19.84 18.46
N GLU A 143 17.06 -18.58 18.88
CA GLU A 143 16.22 -18.09 19.99
C GLU A 143 14.73 -18.22 19.69
N PRO A 144 13.96 -18.89 20.56
CA PRO A 144 12.50 -18.86 20.39
C PRO A 144 12.05 -17.52 20.99
N TYR A 145 11.80 -16.52 20.13
CA TYR A 145 11.46 -15.20 20.64
C TYR A 145 10.12 -15.17 21.36
N VAL A 146 10.15 -14.68 22.60
CA VAL A 146 8.94 -14.68 23.43
C VAL A 146 8.06 -13.49 23.05
N ILE A 147 6.85 -13.77 22.59
CA ILE A 147 5.90 -12.67 22.26
C ILE A 147 4.48 -12.95 22.73
N ALA A 148 3.69 -11.89 22.85
CA ALA A 148 2.27 -12.02 23.05
C ALA A 148 1.64 -10.96 22.15
N ALA A 149 1.12 -11.38 21.00
CA ALA A 149 0.50 -10.44 20.06
C ALA A 149 -0.70 -9.73 20.68
N ALA A 150 -1.35 -10.33 21.66
CA ALA A 150 -2.50 -9.68 22.31
C ALA A 150 -2.11 -8.45 23.14
N SER A 151 -0.87 -8.43 23.65
CA SER A 151 -0.46 -7.33 24.55
C SER A 151 0.72 -6.52 24.05
N GLY A 152 1.37 -7.00 23.00
CA GLY A 152 2.60 -6.39 22.51
C GLY A 152 3.88 -6.90 23.16
N ARG A 153 3.78 -7.79 24.16
CA ARG A 153 4.98 -8.29 24.80
C ARG A 153 5.96 -8.83 23.77
N GLY A 154 7.21 -8.39 23.87
CA GLY A 154 8.29 -8.89 23.03
C GLY A 154 8.30 -8.50 21.55
N VAL A 155 7.26 -7.83 21.09
CA VAL A 155 7.13 -7.57 19.68
C VAL A 155 8.21 -6.64 19.14
N LYS A 156 8.49 -5.55 19.87
CA LYS A 156 9.51 -4.63 19.46
C LYS A 156 10.88 -5.34 19.40
N ASP A 157 11.17 -6.16 20.41
CA ASP A 157 12.44 -6.88 20.47
C ASP A 157 12.59 -7.85 19.29
N LEU A 158 11.52 -8.57 18.97
CA LEU A 158 11.53 -9.45 17.79
C LEU A 158 11.84 -8.67 16.50
N MET A 159 11.11 -7.59 16.31
CA MET A 159 11.25 -6.84 15.08
C MET A 159 12.62 -6.18 14.98
N THR A 160 13.22 -5.80 16.12
CA THR A 160 14.57 -5.26 16.13
C THR A 160 15.57 -6.31 15.59
N GLN A 161 15.38 -7.57 15.97
CA GLN A 161 16.25 -8.66 15.46
C GLN A 161 16.03 -8.91 13.96
N VAL A 162 14.80 -8.76 13.51
CA VAL A 162 14.52 -8.90 12.07
C VAL A 162 15.28 -7.80 11.33
N LEU A 163 15.18 -6.57 11.82
CA LEU A 163 15.89 -5.44 11.21
C LEU A 163 17.38 -5.59 11.13
N GLU A 164 17.97 -6.04 12.22
CA GLU A 164 19.41 -6.20 12.32
C GLU A 164 19.96 -7.27 11.39
N ASN A 165 19.11 -8.20 10.99
CA ASN A 165 19.52 -9.28 10.08
C ASN A 165 19.12 -9.04 8.62
N LEU A 166 19.24 -7.79 8.17
CA LEU A 166 18.98 -7.41 6.77
C LEU A 166 20.31 -6.98 6.16
N PRO A 167 20.49 -7.19 4.83
CA PRO A 167 21.73 -6.85 4.12
C PRO A 167 22.41 -5.54 4.57
N GLU A 176 21.15 11.06 -10.04
CA GLU A 176 19.85 11.60 -9.64
C GLU A 176 18.74 10.69 -10.20
N VAL A 177 17.88 10.23 -9.30
CA VAL A 177 16.83 9.29 -9.65
C VAL A 177 15.68 9.90 -10.43
N GLY A 178 15.36 11.18 -10.18
CA GLY A 178 14.21 11.81 -10.84
C GLY A 178 12.94 11.19 -10.31
N ILE A 179 11.85 11.30 -11.05
CA ILE A 179 10.57 10.70 -10.63
C ILE A 179 10.54 9.22 -10.97
N LYS A 180 10.30 8.40 -9.93
CA LYS A 180 10.22 6.97 -10.08
C LYS A 180 8.81 6.56 -10.46
N ILE A 181 8.70 5.74 -11.50
CA ILE A 181 7.41 5.26 -11.95
C ILE A 181 7.40 3.75 -12.07
N ALA A 182 6.22 3.16 -11.89
CA ALA A 182 6.04 1.74 -12.07
C ALA A 182 4.71 1.48 -12.75
N MET A 183 4.67 0.43 -13.57
CA MET A 183 3.44 -0.03 -14.20
C MET A 183 2.90 -1.16 -13.34
N ILE A 184 1.63 -1.07 -12.97
CA ILE A 184 0.97 -2.07 -12.16
C ILE A 184 -0.24 -2.58 -12.93
N GLY A 185 -0.48 -3.87 -12.91
CA GLY A 185 -1.63 -4.42 -13.61
C GLY A 185 -1.57 -5.94 -13.67
N ARG A 186 -2.73 -6.54 -13.92
CA ARG A 186 -2.81 -8.01 -14.05
C ARG A 186 -2.05 -8.50 -15.25
N PRO A 187 -1.81 -9.81 -15.31
CA PRO A 187 -1.12 -10.31 -16.49
C PRO A 187 -1.85 -10.03 -17.80
N ASN A 188 -1.08 -9.72 -18.82
N ASN A 188 -1.08 -9.74 -18.83
CA ASN A 188 -1.56 -9.52 -20.18
CA ASN A 188 -1.60 -9.55 -20.19
C ASN A 188 -2.33 -8.23 -20.46
C ASN A 188 -2.37 -8.25 -20.45
N VAL A 189 -2.36 -7.30 -19.50
CA VAL A 189 -3.08 -6.04 -19.72
C VAL A 189 -2.31 -5.07 -20.63
N GLY A 190 -1.00 -5.28 -20.76
CA GLY A 190 -0.16 -4.47 -21.63
C GLY A 190 1.03 -3.78 -21.03
N LYS A 191 1.48 -4.22 -19.85
CA LYS A 191 2.58 -3.51 -19.18
C LYS A 191 3.88 -3.44 -19.97
N SER A 192 4.36 -4.59 -20.46
N SER A 192 4.35 -4.59 -20.45
CA SER A 192 5.63 -4.59 -21.23
CA SER A 192 5.59 -4.64 -21.23
C SER A 192 5.49 -3.77 -22.49
C SER A 192 5.47 -3.78 -22.48
N THR A 193 4.32 -3.86 -23.13
CA THR A 193 4.06 -3.11 -24.37
C THR A 193 4.10 -1.63 -24.10
N LEU A 194 3.49 -1.19 -22.99
CA LEU A 194 3.47 0.22 -22.64
C LEU A 194 4.87 0.70 -22.25
N ILE A 195 5.63 -0.12 -21.53
CA ILE A 195 7.00 0.28 -21.15
C ILE A 195 7.82 0.55 -22.41
N ASN A 196 7.78 -0.40 -23.32
CA ASN A 196 8.53 -0.26 -24.57
C ASN A 196 8.08 0.96 -25.37
N ARG A 197 6.77 1.21 -25.39
CA ARG A 197 6.25 2.35 -26.13
C ARG A 197 6.67 3.70 -25.49
N LEU A 198 6.56 3.81 -24.18
N LEU A 198 6.58 3.78 -24.17
CA LEU A 198 6.97 5.05 -23.50
CA LEU A 198 6.92 5.00 -23.43
C LEU A 198 8.43 5.36 -23.72
C LEU A 198 8.41 5.37 -23.58
N LEU A 199 9.28 4.35 -23.55
CA LEU A 199 10.71 4.55 -23.69
C LEU A 199 11.10 4.91 -25.12
N GLY A 200 10.16 4.77 -26.06
CA GLY A 200 10.41 5.12 -27.45
C GLY A 200 9.68 6.36 -27.93
N GLU A 201 8.97 7.05 -27.04
CA GLU A 201 8.24 8.26 -27.40
C GLU A 201 9.21 9.36 -27.83
N GLU A 202 8.64 10.37 -28.47
CA GLU A 202 9.39 11.49 -28.98
C GLU A 202 10.17 12.19 -27.85
N ARG A 203 11.47 12.36 -28.07
CA ARG A 203 12.36 13.06 -27.14
C ARG A 203 12.79 12.27 -25.90
N VAL A 204 12.43 11.00 -25.80
CA VAL A 204 12.86 10.20 -24.65
C VAL A 204 14.24 9.63 -24.94
N ILE A 205 15.12 9.64 -23.95
CA ILE A 205 16.41 9.01 -24.10
C ILE A 205 16.65 8.06 -22.93
N VAL A 206 17.31 6.96 -23.24
CA VAL A 206 17.63 5.94 -22.23
C VAL A 206 19.15 5.81 -22.27
N TYR A 207 19.73 5.28 -21.20
CA TYR A 207 21.18 5.12 -21.15
C TYR A 207 21.52 3.63 -21.18
N ASP A 215 19.70 -2.85 -9.19
CA ASP A 215 20.48 -2.88 -10.41
C ASP A 215 19.60 -2.81 -11.65
N SER A 216 19.42 -3.95 -12.31
CA SER A 216 18.57 -4.02 -13.50
C SER A 216 17.09 -3.77 -13.20
N ILE A 217 16.77 -3.54 -11.92
CA ILE A 217 15.39 -3.21 -11.51
C ILE A 217 15.05 -1.75 -11.82
N TYR A 218 16.08 -0.91 -11.87
CA TYR A 218 15.88 0.52 -12.12
C TYR A 218 16.38 0.87 -13.52
N ILE A 219 15.53 1.51 -14.30
CA ILE A 219 15.86 1.90 -15.65
C ILE A 219 15.74 3.42 -15.78
N PRO A 220 16.87 4.12 -15.70
CA PRO A 220 16.76 5.57 -15.81
C PRO A 220 16.47 6.02 -17.24
N PHE A 221 15.72 7.09 -17.37
CA PHE A 221 15.46 7.67 -18.68
C PHE A 221 15.15 9.14 -18.50
N ALA A 222 15.09 9.88 -19.61
CA ALA A 222 14.80 11.31 -19.53
C ALA A 222 13.96 11.74 -20.72
N ARG A 223 13.27 12.85 -20.57
CA ARG A 223 12.50 13.45 -21.67
C ARG A 223 12.56 14.96 -21.47
N ASN A 224 13.19 15.66 -22.41
CA ASN A 224 13.43 17.09 -22.29
C ASN A 224 14.34 17.25 -21.05
N ASP A 225 14.01 18.15 -20.13
CA ASP A 225 14.82 18.31 -18.90
C ASP A 225 14.21 17.53 -17.73
N GLU A 226 13.35 16.56 -18.06
CA GLU A 226 12.66 15.72 -17.06
C GLU A 226 13.41 14.40 -16.81
N ASN A 227 13.82 14.15 -15.57
CA ASN A 227 14.48 12.88 -15.23
C ASN A 227 13.47 11.89 -14.62
N TYR A 228 13.56 10.64 -15.04
CA TYR A 228 12.70 9.58 -14.55
C TYR A 228 13.50 8.32 -14.30
N THR A 229 12.90 7.40 -13.55
CA THR A 229 13.45 6.06 -13.35
C THR A 229 12.28 5.09 -13.38
N LEU A 230 12.30 4.15 -14.30
CA LEU A 230 11.28 3.11 -14.35
C LEU A 230 11.68 2.01 -13.39
N ILE A 231 10.73 1.55 -12.55
N ILE A 231 10.70 1.58 -12.58
CA ILE A 231 11.00 0.47 -11.59
CA ILE A 231 10.88 0.49 -11.67
C ILE A 231 10.34 -0.78 -12.15
C ILE A 231 10.38 -0.73 -12.42
N ASP A 232 11.15 -1.81 -12.40
CA ASP A 232 10.69 -3.04 -13.05
C ASP A 232 11.06 -4.21 -12.15
N THR A 233 10.27 -4.41 -11.09
CA THR A 233 10.56 -5.45 -10.11
C THR A 233 10.37 -6.87 -10.62
N ALA A 234 9.50 -7.03 -11.61
CA ALA A 234 9.26 -8.36 -12.17
C ALA A 234 10.11 -8.61 -13.41
N GLY A 235 10.93 -7.62 -13.78
CA GLY A 235 11.84 -7.75 -14.95
C GLY A 235 11.09 -8.03 -16.23
N ILE A 236 10.02 -7.28 -16.49
CA ILE A 236 9.21 -7.53 -17.68
C ILE A 236 9.76 -6.88 -18.95
N ARG A 237 10.60 -5.85 -18.79
CA ARG A 237 11.23 -5.25 -19.97
C ARG A 237 12.22 -6.26 -20.53
N ARG A 238 12.81 -7.08 -19.66
N ARG A 238 12.82 -7.08 -19.67
CA ARG A 238 13.76 -8.10 -20.07
CA ARG A 238 13.76 -8.10 -20.10
C ARG A 238 13.09 -9.30 -20.75
C ARG A 238 13.09 -9.31 -20.76
N ARG A 239 11.91 -9.71 -20.26
CA ARG A 239 11.22 -10.86 -20.87
C ARG A 239 10.70 -10.51 -22.25
N ALA A 240 10.18 -9.28 -22.41
CA ALA A 240 9.68 -8.85 -23.71
C ALA A 240 10.84 -8.82 -24.69
N LYS A 241 11.93 -8.20 -24.25
CA LYS A 241 13.15 -8.11 -25.05
C LYS A 241 13.48 -9.47 -25.66
N ILE A 242 13.53 -10.52 -24.83
CA ILE A 242 13.92 -11.86 -25.28
C ILE A 242 12.76 -12.79 -25.70
N GLN A 243 11.74 -12.92 -24.86
CA GLN A 243 10.61 -13.80 -25.18
C GLN A 243 9.63 -13.12 -26.13
N LYS A 248 4.35 -15.12 -14.45
CA LYS A 248 3.57 -15.51 -13.27
C LYS A 248 3.35 -14.29 -12.40
N PHE A 249 2.08 -13.94 -12.17
CA PHE A 249 1.78 -12.77 -11.39
C PHE A 249 2.26 -12.86 -9.94
N SER A 250 2.88 -11.78 -9.48
CA SER A 250 3.41 -11.68 -8.13
C SER A 250 2.87 -10.45 -7.47
N MET A 251 1.95 -10.65 -6.54
CA MET A 251 1.42 -9.54 -5.78
C MET A 251 2.54 -8.91 -4.94
N ILE A 252 3.44 -9.75 -4.43
CA ILE A 252 4.56 -9.21 -3.63
C ILE A 252 5.41 -8.24 -4.46
N LYS A 253 5.80 -8.65 -5.66
CA LYS A 253 6.61 -7.77 -6.50
C LYS A 253 5.84 -6.52 -6.94
N SER A 254 4.52 -6.64 -7.09
CA SER A 254 3.69 -5.47 -7.43
C SER A 254 3.71 -4.47 -6.26
N LEU A 255 3.60 -4.99 -5.03
CA LEU A 255 3.63 -4.16 -3.83
C LEU A 255 4.98 -3.48 -3.66
N GLN A 256 6.05 -4.24 -3.91
CA GLN A 256 7.37 -3.66 -3.83
C GLN A 256 7.51 -2.50 -4.82
N ALA A 257 7.02 -2.68 -6.05
CA ALA A 257 7.09 -1.62 -7.07
C ALA A 257 6.29 -0.38 -6.65
N MET A 258 5.08 -0.62 -6.15
CA MET A 258 4.18 0.40 -5.68
C MET A 258 4.80 1.25 -4.55
N HIS A 259 5.44 0.60 -3.59
CA HIS A 259 6.09 1.32 -2.47
C HIS A 259 7.40 2.02 -2.85
N ALA A 260 8.07 1.54 -3.89
CA ALA A 260 9.30 2.19 -4.35
C ALA A 260 9.02 3.38 -5.27
N ALA A 261 7.89 3.35 -5.97
CA ALA A 261 7.57 4.40 -6.94
C ALA A 261 7.05 5.69 -6.35
N ASP A 262 7.24 6.78 -7.09
CA ASP A 262 6.63 8.06 -6.76
C ASP A 262 5.23 8.15 -7.39
N VAL A 263 5.10 7.56 -8.58
CA VAL A 263 3.83 7.53 -9.31
C VAL A 263 3.66 6.17 -9.96
N VAL A 264 2.44 5.63 -9.80
N VAL A 264 2.47 5.60 -9.82
CA VAL A 264 2.06 4.37 -10.39
CA VAL A 264 2.19 4.35 -10.48
C VAL A 264 1.15 4.63 -11.60
C VAL A 264 1.14 4.55 -11.56
N ILE A 265 1.37 3.88 -12.68
CA ILE A 265 0.45 3.87 -13.82
C ILE A 265 -0.23 2.49 -13.74
N PHE A 266 -1.52 2.47 -13.41
CA PHE A 266 -2.30 1.25 -13.33
C PHE A 266 -3.00 1.00 -14.66
N LEU A 267 -2.80 -0.19 -15.23
CA LEU A 267 -3.39 -0.53 -16.51
C LEU A 267 -4.60 -1.42 -16.40
N LEU A 268 -5.68 -0.97 -17.03
CA LEU A 268 -6.86 -1.80 -17.24
C LEU A 268 -6.82 -2.32 -18.70
N ASP A 269 -7.37 -3.51 -18.95
CA ASP A 269 -7.50 -4.03 -20.32
C ASP A 269 -8.96 -3.76 -20.75
N ALA A 270 -9.16 -2.81 -21.66
CA ALA A 270 -10.51 -2.44 -22.07
C ALA A 270 -11.28 -3.61 -22.70
N ARG A 271 -10.57 -4.59 -23.24
CA ARG A 271 -11.26 -5.73 -23.86
C ARG A 271 -11.88 -6.63 -22.78
N GLN A 272 -11.34 -6.58 -21.57
CA GLN A 272 -11.86 -7.43 -20.50
C GLN A 272 -12.78 -6.68 -19.54
N GLY A 273 -12.74 -5.36 -19.58
CA GLY A 273 -13.54 -4.54 -18.70
C GLY A 273 -12.91 -4.46 -17.32
N VAL A 274 -13.68 -4.07 -16.32
CA VAL A 274 -13.19 -3.96 -14.95
C VAL A 274 -13.41 -5.28 -14.24
N THR A 275 -12.34 -5.94 -13.80
CA THR A 275 -12.47 -7.24 -13.16
C THR A 275 -12.29 -7.14 -11.65
N GLU A 276 -12.74 -8.16 -10.93
N GLU A 276 -12.59 -8.23 -10.96
CA GLU A 276 -12.64 -8.14 -9.46
CA GLU A 276 -12.40 -8.27 -9.51
C GLU A 276 -11.17 -8.01 -9.03
C GLU A 276 -10.90 -8.22 -9.17
N GLN A 277 -10.29 -8.70 -9.76
N GLN A 277 -10.05 -8.83 -10.00
CA GLN A 277 -8.86 -8.66 -9.46
CA GLN A 277 -8.64 -8.77 -9.69
C GLN A 277 -8.28 -7.27 -9.70
C GLN A 277 -8.11 -7.36 -9.85
N ASP A 278 -8.70 -6.61 -10.79
CA ASP A 278 -8.30 -5.20 -11.04
C ASP A 278 -8.63 -4.36 -9.80
N LEU A 279 -9.86 -4.53 -9.29
CA LEU A 279 -10.29 -3.77 -8.10
C LEU A 279 -9.44 -4.09 -6.86
N ARG A 280 -9.08 -5.35 -6.68
CA ARG A 280 -8.20 -5.73 -5.56
C ARG A 280 -6.85 -5.04 -5.65
N LEU A 281 -6.26 -4.98 -6.86
CA LEU A 281 -4.99 -4.25 -7.03
C LEU A 281 -5.15 -2.75 -6.79
N LEU A 282 -6.18 -2.14 -7.38
N LEU A 282 -6.27 -2.21 -7.26
CA LEU A 282 -6.39 -0.68 -7.21
CA LEU A 282 -6.58 -0.81 -7.10
C LEU A 282 -6.52 -0.29 -5.74
C LEU A 282 -6.78 -0.46 -5.62
N ASN A 283 -7.29 -1.09 -5.00
N ASN A 283 -7.37 -1.38 -4.87
CA ASN A 283 -7.47 -0.88 -3.57
CA ASN A 283 -7.58 -1.14 -3.45
C ASN A 283 -6.13 -0.85 -2.86
C ASN A 283 -6.24 -1.03 -2.72
N ARG A 284 -5.25 -1.81 -3.18
CA ARG A 284 -3.94 -1.85 -2.55
C ARG A 284 -3.11 -0.62 -2.89
N ILE A 285 -3.24 -0.11 -4.11
CA ILE A 285 -2.54 1.12 -4.50
C ILE A 285 -3.01 2.30 -3.65
N VAL A 286 -4.32 2.44 -3.54
CA VAL A 286 -4.92 3.52 -2.77
C VAL A 286 -4.51 3.40 -1.28
N GLU A 287 -4.56 2.17 -0.76
CA GLU A 287 -4.13 1.94 0.64
C GLU A 287 -2.65 2.27 0.85
N ALA A 288 -1.80 1.98 -0.13
CA ALA A 288 -0.37 2.26 -0.05
C ALA A 288 -0.06 3.76 -0.05
N GLY A 289 -1.03 4.56 -0.51
CA GLY A 289 -0.85 6.02 -0.55
C GLY A 289 -0.08 6.59 -1.73
N VAL A 290 0.22 5.77 -2.73
CA VAL A 290 1.04 6.21 -3.85
C VAL A 290 0.19 6.90 -4.90
N SER A 291 0.76 7.95 -5.49
CA SER A 291 0.12 8.67 -6.58
C SER A 291 -0.24 7.69 -7.71
N LEU A 292 -1.42 7.88 -8.26
CA LEU A 292 -1.99 6.97 -9.24
C LEU A 292 -2.50 7.65 -10.51
N ILE A 293 -2.15 7.07 -11.66
CA ILE A 293 -2.67 7.44 -12.97
C ILE A 293 -3.25 6.15 -13.55
N ILE A 294 -4.43 6.21 -14.15
CA ILE A 294 -5.04 5.03 -14.77
C ILE A 294 -4.90 5.08 -16.30
N ALA A 295 -4.39 4.00 -16.89
CA ALA A 295 -4.25 3.89 -18.33
C ALA A 295 -5.23 2.79 -18.75
N VAL A 296 -6.25 3.15 -19.52
CA VAL A 296 -7.24 2.17 -20.00
C VAL A 296 -6.70 1.74 -21.36
N ASN A 297 -6.04 0.58 -21.37
CA ASN A 297 -5.32 0.12 -22.54
C ASN A 297 -6.15 -0.77 -23.47
N LYS A 298 -5.62 -1.01 -24.68
CA LYS A 298 -6.27 -1.79 -25.73
C LYS A 298 -7.56 -1.10 -26.18
N TRP A 299 -7.53 0.22 -26.19
CA TRP A 299 -8.69 1.02 -26.65
C TRP A 299 -8.86 0.96 -28.17
N ASP A 300 -7.78 0.60 -28.88
CA ASP A 300 -7.80 0.50 -30.32
C ASP A 300 -8.77 -0.53 -30.81
N GLY A 301 -9.45 -0.19 -31.91
CA GLY A 301 -10.37 -1.10 -32.56
C GLY A 301 -11.76 -1.24 -31.97
N LEU A 302 -11.99 -0.67 -30.79
CA LEU A 302 -13.29 -0.77 -30.11
C LEU A 302 -14.29 0.20 -30.74
N ASN A 303 -15.54 -0.26 -30.87
CA ASN A 303 -16.58 0.57 -31.49
C ASN A 303 -17.22 1.50 -30.46
N ILE A 304 -18.15 2.35 -30.91
CA ILE A 304 -18.74 3.34 -30.01
C ILE A 304 -19.41 2.70 -28.78
N GLU A 305 -20.22 1.65 -29.00
CA GLU A 305 -20.89 0.97 -27.87
C GLU A 305 -19.91 0.32 -26.90
N GLU A 306 -18.90 -0.37 -27.44
CA GLU A 306 -17.86 -1.03 -26.62
C GLU A 306 -17.11 -0.05 -25.73
N ARG A 307 -16.74 1.08 -26.32
CA ARG A 307 -16.06 2.12 -25.59
C ARG A 307 -16.97 2.71 -24.51
N ASP A 308 -18.23 2.97 -24.84
CA ASP A 308 -19.12 3.55 -23.85
C ASP A 308 -19.36 2.57 -22.69
N ASN A 309 -19.40 1.27 -22.99
N ASN A 309 -19.43 1.28 -22.99
CA ASN A 309 -19.59 0.22 -21.98
CA ASN A 309 -19.62 0.29 -21.94
C ASN A 309 -18.44 0.19 -20.97
C ASN A 309 -18.45 0.28 -20.96
N VAL A 310 -17.21 0.33 -21.47
CA VAL A 310 -16.02 0.38 -20.60
C VAL A 310 -16.06 1.61 -19.72
N ARG A 311 -16.40 2.77 -20.31
CA ARG A 311 -16.48 4.01 -19.54
C ARG A 311 -17.54 3.89 -18.44
N ASN A 312 -18.69 3.33 -18.77
N ASN A 312 -18.68 3.32 -18.78
CA ASN A 312 -19.75 3.19 -17.78
CA ASN A 312 -19.77 3.14 -17.81
C ASN A 312 -19.38 2.24 -16.63
C ASN A 312 -19.33 2.27 -16.64
N ALA A 313 -18.59 1.20 -16.94
CA ALA A 313 -18.11 0.27 -15.92
C ALA A 313 -17.10 0.95 -14.98
N ILE A 314 -16.24 1.78 -15.53
CA ILE A 314 -15.30 2.53 -14.69
C ILE A 314 -16.07 3.43 -13.73
N ASP A 315 -17.08 4.12 -14.25
CA ASP A 315 -17.82 5.05 -13.40
C ASP A 315 -18.60 4.34 -12.31
N ARG A 316 -19.04 3.13 -12.59
CA ARG A 316 -19.87 2.39 -11.68
C ARG A 316 -19.05 1.62 -10.63
N ARG A 317 -17.94 1.04 -11.07
CA ARG A 317 -17.12 0.19 -10.19
C ARG A 317 -15.85 0.80 -9.58
N MET A 318 -15.41 1.93 -10.13
CA MET A 318 -14.21 2.61 -9.66
C MET A 318 -14.41 4.09 -9.25
N PRO A 319 -15.58 4.45 -8.71
CA PRO A 319 -15.69 5.85 -8.31
C PRO A 319 -14.72 6.23 -7.18
N PHE A 320 -14.24 5.23 -6.42
CA PHE A 320 -13.28 5.47 -5.36
C PHE A 320 -11.92 6.00 -5.85
N VAL A 321 -11.61 5.86 -7.16
CA VAL A 321 -10.38 6.42 -7.72
C VAL A 321 -10.62 7.62 -8.65
N ASP A 322 -11.73 8.32 -8.46
N ASP A 322 -11.71 8.32 -8.41
CA ASP A 322 -12.02 9.53 -9.27
CA ASP A 322 -12.06 9.51 -9.17
C ASP A 322 -10.93 10.58 -9.16
C ASP A 322 -10.94 10.54 -9.15
N PHE A 323 -10.19 10.58 -8.05
CA PHE A 323 -9.08 11.54 -7.89
C PHE A 323 -7.94 11.32 -8.88
N ALA A 324 -7.88 10.15 -9.49
CA ALA A 324 -6.81 9.81 -10.42
C ALA A 324 -7.10 10.20 -11.86
N ARG A 325 -6.14 10.83 -12.52
CA ARG A 325 -6.22 11.08 -13.96
C ARG A 325 -6.33 9.74 -14.68
N ARG A 326 -7.11 9.70 -15.75
CA ARG A 326 -7.18 8.48 -16.58
C ARG A 326 -7.10 8.83 -18.05
N TYR A 327 -6.44 7.94 -18.80
CA TYR A 327 -6.21 8.13 -20.21
C TYR A 327 -6.55 6.86 -20.94
N PHE A 328 -7.19 7.02 -22.11
CA PHE A 328 -7.61 5.89 -22.95
C PHE A 328 -6.58 5.77 -24.05
N ILE A 329 -5.85 4.67 -24.02
CA ILE A 329 -4.71 4.51 -24.87
C ILE A 329 -4.61 3.17 -25.61
N SER A 330 -3.68 3.17 -26.56
CA SER A 330 -3.24 1.94 -27.20
C SER A 330 -1.73 1.88 -27.05
N ALA A 331 -1.25 1.09 -26.10
CA ALA A 331 0.19 0.91 -25.95
C ALA A 331 0.78 0.32 -27.24
N LEU A 332 0.01 -0.52 -27.91
CA LEU A 332 0.48 -1.20 -29.13
C LEU A 332 0.67 -0.24 -30.30
N HIS A 333 -0.29 0.66 -30.51
CA HIS A 333 -0.22 1.60 -31.62
C HIS A 333 0.32 2.97 -31.26
N GLY A 334 0.47 3.20 -29.96
CA GLY A 334 1.01 4.45 -29.41
C GLY A 334 0.00 5.56 -29.15
N THR A 335 -1.24 5.37 -29.52
CA THR A 335 -2.26 6.39 -29.41
C THR A 335 -2.50 6.82 -27.95
N GLY A 336 -2.41 8.12 -27.68
CA GLY A 336 -2.63 8.67 -26.33
C GLY A 336 -1.52 8.44 -25.32
N VAL A 337 -0.49 7.68 -25.68
CA VAL A 337 0.59 7.38 -24.72
C VAL A 337 1.40 8.63 -24.27
N GLY A 338 1.63 9.55 -25.18
CA GLY A 338 2.40 10.75 -24.83
C GLY A 338 1.80 11.64 -23.73
N LYS A 339 0.48 11.52 -23.51
CA LYS A 339 -0.22 12.29 -22.48
C LYS A 339 0.23 11.92 -21.07
N LEU A 340 0.80 10.74 -20.94
CA LEU A 340 1.23 10.24 -19.64
C LEU A 340 2.35 11.05 -18.98
N PHE A 341 3.26 11.62 -19.76
CA PHE A 341 4.37 12.35 -19.13
C PHE A 341 3.90 13.54 -18.32
N ARG A 342 3.03 14.37 -18.89
CA ARG A 342 2.52 15.54 -18.15
C ARG A 342 1.71 15.07 -16.96
N ALA A 343 0.98 13.95 -17.10
CA ALA A 343 0.20 13.43 -15.97
C ALA A 343 1.12 13.01 -14.83
N ILE A 344 2.26 12.39 -15.14
CA ILE A 344 3.24 12.02 -14.14
C ILE A 344 3.78 13.30 -13.44
N GLN A 345 4.17 14.29 -14.21
CA GLN A 345 4.72 15.53 -13.65
C GLN A 345 3.70 16.23 -12.75
N GLU A 346 2.48 16.35 -13.23
CA GLU A 346 1.45 17.05 -12.47
C GLU A 346 0.99 16.32 -11.21
N SER A 347 0.94 14.98 -11.27
CA SER A 347 0.53 14.21 -10.11
C SER A 347 1.61 14.34 -9.02
N TYR A 348 2.88 14.25 -9.43
CA TYR A 348 4.00 14.36 -8.49
C TYR A 348 4.00 15.74 -7.83
N GLN A 349 3.91 16.77 -8.66
CA GLN A 349 3.89 18.15 -8.17
C GLN A 349 2.75 18.41 -7.19
N SER A 350 1.58 17.83 -7.46
CA SER A 350 0.38 17.97 -6.61
C SER A 350 0.60 17.53 -5.17
N ILE A 351 1.19 16.35 -5.01
CA ILE A 351 1.41 15.82 -3.68
C ILE A 351 2.70 16.32 -3.03
N GLN A 352 3.62 16.88 -3.83
CA GLN A 352 4.88 17.44 -3.31
C GLN A 352 4.81 18.93 -2.95
N GLN A 353 3.73 19.62 -3.29
CA GLN A 353 3.64 21.05 -3.02
C GLN A 353 3.74 21.41 -1.53
N GLU A 354 4.16 22.64 -1.23
CA GLU A 354 4.24 23.10 0.16
C GLU A 354 2.84 23.16 0.76
N LEU A 355 2.71 22.62 1.98
CA LEU A 355 1.44 22.58 2.71
C LEU A 355 1.70 22.95 4.18
N THR A 356 1.80 24.24 4.44
CA THR A 356 2.04 24.69 5.81
C THR A 356 0.77 24.65 6.63
N THR A 357 0.94 24.63 7.95
CA THR A 357 -0.19 24.68 8.87
C THR A 357 -0.99 25.95 8.59
N GLY A 358 -0.30 27.06 8.36
CA GLY A 358 -0.98 28.32 8.08
C GLY A 358 -1.88 28.27 6.87
N GLN A 359 -1.40 27.70 5.76
N GLN A 359 -1.37 27.67 5.78
CA GLN A 359 -2.19 27.64 4.55
CA GLN A 359 -2.09 27.54 4.52
C GLN A 359 -3.32 26.61 4.69
C GLN A 359 -3.29 26.61 4.69
N LEU A 360 -3.07 25.48 5.38
CA LEU A 360 -4.13 24.49 5.59
C LEU A 360 -5.23 25.09 6.47
N THR A 361 -4.82 25.87 7.47
CA THR A 361 -5.77 26.49 8.38
C THR A 361 -6.59 27.58 7.68
N ARG A 362 -5.93 28.33 6.80
N ARG A 362 -5.96 28.35 6.80
CA ARG A 362 -6.58 29.36 6.00
CA ARG A 362 -6.69 29.37 6.06
C ARG A 362 -7.73 28.73 5.20
C ARG A 362 -7.79 28.68 5.26
N ALA A 363 -7.45 27.58 4.60
CA ALA A 363 -8.46 26.82 3.81
C ALA A 363 -9.58 26.29 4.72
N LEU A 364 -9.23 25.76 5.89
CA LEU A 364 -10.23 25.30 6.86
C LEU A 364 -11.17 26.43 7.24
N GLU A 365 -10.61 27.60 7.55
CA GLU A 365 -11.45 28.75 7.94
C GLU A 365 -12.43 29.14 6.84
N LYS A 366 -11.97 29.08 5.59
N LYS A 366 -11.96 29.09 5.59
CA LYS A 366 -12.81 29.41 4.45
CA LYS A 366 -12.82 29.41 4.45
C LYS A 366 -13.92 28.38 4.26
C LYS A 366 -13.93 28.38 4.29
N ALA A 367 -13.60 27.10 4.46
CA ALA A 367 -14.60 26.03 4.34
C ALA A 367 -15.71 26.21 5.38
N VAL A 368 -15.30 26.53 6.61
CA VAL A 368 -16.24 26.73 7.72
C VAL A 368 -17.10 27.97 7.48
N ALA A 369 -16.49 29.03 6.96
CA ALA A 369 -17.24 30.25 6.65
C ALA A 369 -18.30 30.00 5.57
N GLU A 370 -18.00 29.14 4.60
CA GLU A 370 -18.98 28.86 3.53
C GLU A 370 -20.12 27.95 3.97
N HIS A 371 -19.78 26.91 4.73
N HIS A 371 -19.80 26.97 4.81
CA HIS A 371 -20.75 25.94 5.19
CA HIS A 371 -20.82 26.07 5.33
C HIS A 371 -20.40 25.57 6.62
C HIS A 371 -20.43 25.68 6.74
N GLU A 372 -21.17 26.11 7.55
N GLU A 372 -21.14 26.25 7.71
CA GLU A 372 -20.96 25.93 8.98
CA GLU A 372 -20.87 26.01 9.11
C GLU A 372 -21.20 24.48 9.44
C GLU A 372 -21.20 24.58 9.50
N PRO A 373 -20.40 23.99 10.39
CA PRO A 373 -20.65 22.63 10.90
C PRO A 373 -22.00 22.61 11.65
N PRO A 374 -22.70 21.46 11.63
CA PRO A 374 -24.00 21.37 12.31
C PRO A 374 -23.88 21.39 13.83
N LEU A 375 -24.94 21.78 14.51
CA LEU A 375 -24.98 21.70 15.97
C LEU A 375 -25.17 20.23 16.30
N VAL A 376 -24.42 19.73 17.27
CA VAL A 376 -24.57 18.33 17.68
C VAL A 376 -25.01 18.30 19.13
N LYS A 377 -26.15 17.67 19.38
CA LYS A 377 -26.73 17.63 20.70
C LYS A 377 -26.76 19.05 21.27
N GLY A 378 -27.03 20.02 20.40
CA GLY A 378 -27.19 21.42 20.81
C GLY A 378 -25.95 22.26 20.97
N ARG A 379 -24.78 21.63 20.92
CA ARG A 379 -23.51 22.34 21.05
C ARG A 379 -22.82 22.51 19.70
N ARG A 380 -22.21 23.67 19.53
CA ARG A 380 -21.54 24.02 18.30
C ARG A 380 -20.16 23.36 18.25
N ILE A 381 -19.85 22.75 17.10
CA ILE A 381 -18.54 22.15 16.89
C ILE A 381 -17.67 23.29 16.37
N ARG A 382 -16.53 23.53 17.02
CA ARG A 382 -15.61 24.60 16.62
C ARG A 382 -14.32 24.00 16.08
N LEU A 383 -14.03 24.25 14.80
CA LEU A 383 -12.82 23.71 14.15
C LEU A 383 -11.81 24.84 14.17
N ARG A 384 -10.66 24.57 14.79
N ARG A 384 -10.67 24.60 14.78
CA ARG A 384 -9.65 25.59 15.11
CA ARG A 384 -9.71 25.68 14.92
C ARG A 384 -8.44 25.74 14.18
C ARG A 384 -8.65 25.72 13.83
N TYR A 385 -7.91 24.63 13.69
CA TYR A 385 -6.79 24.65 12.73
C TYR A 385 -6.59 23.29 12.10
N ALA A 386 -5.76 23.28 11.08
CA ALA A 386 -5.42 22.06 10.33
C ALA A 386 -3.93 21.97 10.06
N HIS A 387 -3.37 20.76 10.15
CA HIS A 387 -1.97 20.55 9.83
C HIS A 387 -1.77 19.30 8.99
N LEU A 388 -0.61 19.21 8.36
CA LEU A 388 -0.32 18.04 7.50
C LEU A 388 0.16 16.84 8.32
N GLY A 389 -0.68 15.81 8.40
CA GLY A 389 -0.31 14.60 9.12
C GLY A 389 0.71 13.76 8.36
N ALA A 390 0.47 13.62 7.07
CA ALA A 390 1.30 12.82 6.18
C ALA A 390 0.93 13.10 4.76
N ARG A 391 1.85 12.84 3.84
CA ARG A 391 1.59 12.95 2.40
C ARG A 391 1.18 11.62 1.79
N HIS A 392 1.52 10.49 2.44
CA HIS A 392 1.20 9.15 1.92
C HIS A 392 0.81 8.21 3.04
N PRO A 393 -0.47 7.93 3.21
CA PRO A 393 -1.57 8.53 2.45
C PRO A 393 -1.81 9.99 2.90
N LEU A 394 -2.27 10.83 1.97
CA LEU A 394 -2.47 12.25 2.28
C LEU A 394 -3.46 12.39 3.44
N THR A 395 -2.99 12.95 4.54
CA THR A 395 -3.80 13.08 5.74
C THR A 395 -3.74 14.46 6.28
N ILE A 396 -4.88 15.13 6.33
CA ILE A 396 -4.99 16.47 6.91
C ILE A 396 -5.69 16.34 8.26
N VAL A 397 -5.00 16.80 9.32
CA VAL A 397 -5.51 16.71 10.68
C VAL A 397 -6.22 18.01 11.05
N VAL A 398 -7.46 17.87 11.47
CA VAL A 398 -8.33 18.99 11.83
C VAL A 398 -8.58 18.94 13.32
N HIS A 399 -8.20 20.04 13.98
CA HIS A 399 -8.27 20.16 15.42
C HIS A 399 -9.42 21.01 15.88
N GLY A 400 -10.05 20.61 16.97
CA GLY A 400 -11.14 21.42 17.51
C GLY A 400 -11.74 20.84 18.75
N LYS A 401 -12.92 21.34 19.11
CA LYS A 401 -13.68 20.84 20.25
C LYS A 401 -14.87 20.08 19.71
N GLN A 402 -15.19 18.97 20.37
CA GLN A 402 -16.33 18.14 19.99
C GLN A 402 -16.19 17.62 18.58
N THR A 403 -14.95 17.54 18.07
CA THR A 403 -14.76 17.12 16.67
C THR A 403 -15.29 15.73 16.36
N LYS A 404 -15.27 14.83 17.34
CA LYS A 404 -15.75 13.46 17.14
C LYS A 404 -17.28 13.33 17.00
N SER A 405 -17.98 14.46 17.15
CA SER A 405 -19.42 14.48 16.92
C SER A 405 -19.68 14.93 15.49
N LEU A 406 -18.63 15.42 14.82
CA LEU A 406 -18.75 15.88 13.43
C LEU A 406 -19.31 14.74 12.57
N PRO A 407 -20.45 14.96 11.88
CA PRO A 407 -20.93 13.85 11.05
C PRO A 407 -19.92 13.56 9.96
N GLN A 408 -19.84 12.29 9.54
CA GLN A 408 -18.89 11.94 8.50
C GLN A 408 -19.14 12.72 7.22
N SER A 409 -20.39 13.14 6.98
CA SER A 409 -20.68 13.93 5.78
C SER A 409 -19.92 15.28 5.79
N TYR A 410 -19.73 15.87 6.98
CA TYR A 410 -19.01 17.13 7.05
C TYR A 410 -17.51 16.88 6.81
N SER A 411 -16.97 15.78 7.32
CA SER A 411 -15.57 15.42 7.04
C SER A 411 -15.37 15.26 5.53
N ARG A 412 -16.32 14.63 4.86
CA ARG A 412 -16.22 14.47 3.40
C ARG A 412 -16.27 15.83 2.71
N TYR A 413 -17.10 16.73 3.23
CA TYR A 413 -17.15 18.11 2.70
C TYR A 413 -15.77 18.79 2.82
N LEU A 414 -15.13 18.63 3.98
CA LEU A 414 -13.81 19.23 4.21
C LEU A 414 -12.76 18.59 3.28
N ALA A 415 -12.83 17.27 3.13
CA ALA A 415 -11.89 16.57 2.27
C ALA A 415 -11.98 17.15 0.84
N ASN A 416 -13.21 17.32 0.35
N ASN A 416 -13.20 17.30 0.34
CA ASN A 416 -13.42 17.87 -0.98
CA ASN A 416 -13.43 17.87 -1.00
C ASN A 416 -12.95 19.33 -1.09
C ASN A 416 -13.00 19.34 -1.11
N TYR A 417 -13.14 20.09 -0.01
CA TYR A 417 -12.76 21.49 -0.02
C TYR A 417 -11.23 21.63 -0.14
N PHE A 418 -10.50 20.81 0.62
CA PHE A 418 -9.05 20.80 0.53
C PHE A 418 -8.59 20.35 -0.85
N ARG A 419 -9.27 19.32 -1.38
CA ARG A 419 -8.95 18.81 -2.72
C ARG A 419 -9.00 19.93 -3.74
N LYS A 420 -10.09 20.67 -3.76
CA LYS A 420 -10.26 21.78 -4.70
C LYS A 420 -9.28 22.94 -4.48
N THR A 421 -9.09 23.32 -3.22
CA THR A 421 -8.22 24.45 -2.86
C THR A 421 -6.77 24.26 -3.32
N PHE A 422 -6.25 23.05 -3.08
CA PHE A 422 -4.85 22.74 -3.41
C PHE A 422 -4.69 21.96 -4.71
N ASN A 423 -5.81 21.65 -5.36
CA ASN A 423 -5.81 20.87 -6.60
C ASN A 423 -5.09 19.52 -6.38
N PHE A 424 -5.53 18.77 -5.38
CA PHE A 424 -4.93 17.46 -5.12
C PHE A 424 -5.43 16.47 -6.15
N ILE A 425 -4.50 15.82 -6.85
CA ILE A 425 -4.86 14.80 -7.83
C ILE A 425 -3.94 13.60 -7.62
N GLY A 426 -4.37 12.44 -8.05
CA GLY A 426 -3.52 11.25 -7.92
C GLY A 426 -3.58 10.54 -6.58
N VAL A 427 -4.04 11.26 -5.55
CA VAL A 427 -4.21 10.70 -4.22
C VAL A 427 -5.52 11.24 -3.62
N PRO A 428 -6.17 10.43 -2.78
CA PRO A 428 -7.38 10.91 -2.13
C PRO A 428 -6.98 11.71 -0.91
N VAL A 429 -7.85 12.60 -0.46
CA VAL A 429 -7.59 13.40 0.74
C VAL A 429 -8.28 12.72 1.90
N HIS A 430 -7.54 12.46 2.97
CA HIS A 430 -8.12 11.90 4.18
C HIS A 430 -8.12 12.98 5.26
N ILE A 431 -9.20 13.01 6.04
CA ILE A 431 -9.31 13.91 7.17
C ILE A 431 -9.26 13.10 8.46
N LYS A 432 -8.41 13.53 9.40
CA LYS A 432 -8.29 12.90 10.71
C LYS A 432 -8.68 13.98 11.72
N LEU A 433 -9.59 13.65 12.64
CA LEU A 433 -10.06 14.64 13.62
C LEU A 433 -9.34 14.50 14.93
N LYS A 434 -9.07 15.63 15.58
CA LYS A 434 -8.38 15.59 16.83
C LYS A 434 -9.01 16.59 17.75
N THR A 435 -9.40 16.15 18.95
N THR A 435 -9.24 16.19 19.01
CA THR A 435 -10.02 17.03 19.94
CA THR A 435 -9.79 17.07 20.02
C THR A 435 -8.97 17.39 20.97
C THR A 435 -8.64 17.66 20.82
N ASP A 436 -8.12 18.34 20.64
N ASP A 436 -8.66 18.97 21.01
CA ASP A 436 -7.08 18.75 21.54
CA ASP A 436 -7.62 19.68 21.76
C ASP A 436 -7.64 19.07 22.94
C ASP A 436 -7.84 19.42 23.26
N PRO A 437 -6.82 18.89 23.99
CA PRO A 437 -5.42 18.43 23.77
C PRO A 437 -5.32 16.96 23.36
PB GDP B . 1.83 -7.68 -19.69
O1B GDP B . 0.85 -6.79 -18.90
O2B GDP B . 1.62 -9.11 -19.29
O3B GDP B . 3.24 -7.23 -19.75
O3A GDP B . 1.20 -7.58 -21.20
PA GDP B . 1.97 -7.42 -22.60
O1A GDP B . 2.63 -6.11 -22.84
O2A GDP B . 2.85 -8.68 -22.74
O5' GDP B . 0.80 -7.54 -23.69
C5' GDP B . -0.05 -8.68 -23.65
C4' GDP B . -0.74 -8.89 -25.00
O4' GDP B . -1.65 -7.78 -25.23
C3' GDP B . 0.20 -8.91 -26.18
O3' GDP B . -0.31 -9.80 -27.18
C2' GDP B . 0.14 -7.52 -26.70
O2' GDP B . 0.45 -7.40 -28.09
C1' GDP B . -1.31 -7.14 -26.42
N9 GDP B . -1.45 -5.70 -26.30
C8 GDP B . -0.77 -4.88 -25.45
N7 GDP B . -1.18 -3.60 -25.61
C5 GDP B . -2.13 -3.59 -26.55
C6 GDP B . -2.97 -2.56 -27.17
O6 GDP B . -2.86 -1.36 -26.84
N1 GDP B . -3.84 -2.97 -28.11
C2 GDP B . -3.96 -4.29 -28.49
N2 GDP B . -4.85 -4.63 -29.44
N3 GDP B . -3.22 -5.31 -27.95
C4 GDP B . -2.30 -4.99 -26.99
PB GDP C . -4.18 -17.31 13.05
O1B GDP C . -4.30 -16.08 12.17
O2B GDP C . -5.16 -18.40 12.64
O3B GDP C . -2.76 -17.82 13.13
O3A GDP C . -4.53 -16.91 14.54
PA GDP C . -5.40 -15.65 15.09
O1A GDP C . -4.64 -14.34 14.95
O2A GDP C . -6.81 -15.71 14.44
O5' GDP C . -5.50 -15.93 16.65
C5' GDP C . -6.11 -17.14 17.15
C4' GDP C . -6.66 -16.86 18.53
O4' GDP C . -5.57 -16.62 19.43
C3' GDP C . -7.56 -15.65 18.58
O3' GDP C . -8.59 -15.89 19.54
C2' GDP C . -6.65 -14.57 19.13
O2' GDP C . -7.31 -13.54 19.82
C1' GDP C . -5.77 -15.39 20.07
N9 GDP C . -4.48 -14.74 20.35
C8 GDP C . -3.65 -14.11 19.47
N7 GDP C . -2.55 -13.66 20.11
C5 GDP C . -2.69 -13.99 21.41
C6 GDP C . -1.89 -13.83 22.62
O6 GDP C . -0.78 -13.21 22.58
N1 GDP C . -2.35 -14.37 23.77
C2 GDP C . -3.53 -15.05 23.85
N2 GDP C . -3.92 -15.54 25.05
N3 GDP C . -4.33 -15.24 22.77
C4 GDP C . -3.94 -14.74 21.55
#